data_2OPJ
#
_entry.id   2OPJ
#
_cell.length_a   36.976
_cell.length_b   37.642
_cell.length_c   51.990
_cell.angle_alpha   71.28
_cell.angle_beta   76.13
_cell.angle_gamma   73.23
#
_symmetry.space_group_name_H-M   'P 1'
#
loop_
_entity.id
_entity.type
_entity.pdbx_description
1 polymer 'O-succinylbenzoate-CoA synthase'
2 water water
#
_entity_poly.entity_id   1
_entity_poly.type   'polypeptide(L)'
_entity_poly.pdbx_seq_one_letter_code
;(MSE)SLTGRAFAIPLRTRFRGITVREG(MSE)LVRGAAGWGEFSPFAEYGPRECARWWAACYEAAELGWPAPVRDTVPV
NATVPAVGPEEAARIVASSGCTTAKVKVAERGQSEANDVARVEAVRDALGPRGRVRIDVNGAWDVDTAVR(MSE)IRLLD
RFELEYVEQPCATVDELAEVRRRVSVPIAADESIRRAEDPLRVRDAEAADVVVLKVQPLGGVRAALRLAEECGLPVVVSS
AVETSVGLAAGVALAAALPELPYACGLATLRLLHADVCDDPLLPVHGVLPVRRVDVSEQRLAEVEIDPAAWQARLAAARA
AWEQVEREPGPEGHHHHHH
;
_entity_poly.pdbx_strand_id   A
#
# COMPACT_ATOMS: atom_id res chain seq x y z
N SER A 2 -15.45 -12.43 -17.81
CA SER A 2 -15.24 -12.66 -19.27
C SER A 2 -13.80 -13.10 -19.51
N LEU A 3 -13.48 -13.33 -20.78
CA LEU A 3 -12.14 -13.75 -21.15
C LEU A 3 -11.09 -12.69 -20.79
N THR A 4 -11.50 -11.43 -20.83
CA THR A 4 -10.57 -10.33 -20.55
C THR A 4 -10.87 -9.52 -19.28
N GLY A 5 -11.93 -9.89 -18.57
CA GLY A 5 -12.28 -9.19 -17.34
C GLY A 5 -12.76 -10.21 -16.33
N ARG A 6 -11.93 -10.50 -15.33
CA ARG A 6 -12.25 -11.51 -14.33
C ARG A 6 -12.12 -11.01 -12.90
N ALA A 7 -13.12 -11.36 -12.08
CA ALA A 7 -13.13 -10.93 -10.69
C ALA A 7 -12.58 -11.98 -9.75
N PHE A 8 -11.99 -11.52 -8.64
CA PHE A 8 -11.41 -12.42 -7.65
C PHE A 8 -11.80 -12.06 -6.23
N ALA A 9 -11.67 -13.04 -5.34
CA ALA A 9 -11.95 -12.86 -3.92
C ALA A 9 -10.90 -13.71 -3.19
N ILE A 10 -9.97 -13.03 -2.53
CA ILE A 10 -8.89 -13.71 -1.83
C ILE A 10 -8.87 -13.38 -0.35
N PRO A 11 -8.95 -14.39 0.52
CA PRO A 11 -8.92 -14.06 1.95
C PRO A 11 -7.52 -13.65 2.40
N LEU A 12 -7.47 -12.71 3.34
CA LEU A 12 -6.18 -12.30 3.89
C LEU A 12 -5.88 -13.32 4.97
N ARG A 13 -4.67 -13.29 5.51
CA ARG A 13 -4.29 -14.22 6.57
C ARG A 13 -4.78 -13.80 7.94
N THR A 14 -5.14 -12.52 8.08
CA THR A 14 -5.65 -11.93 9.31
C THR A 14 -6.21 -10.55 8.96
N ARG A 15 -7.10 -10.01 9.79
CA ARG A 15 -7.70 -8.70 9.51
C ARG A 15 -6.64 -7.61 9.45
N PHE A 16 -6.71 -6.77 8.43
CA PHE A 16 -5.75 -5.68 8.26
C PHE A 16 -6.48 -4.45 7.73
N ARG A 17 -6.39 -3.35 8.46
CA ARG A 17 -7.07 -2.11 8.09
C ARG A 17 -8.56 -2.39 7.88
N GLY A 18 -9.10 -3.28 8.73
CA GLY A 18 -10.50 -3.61 8.69
C GLY A 18 -10.99 -4.69 7.75
N ILE A 19 -10.18 -5.03 6.75
CA ILE A 19 -10.63 -6.04 5.81
C ILE A 19 -10.03 -7.43 6.03
N THR A 20 -10.77 -8.43 5.58
CA THR A 20 -10.34 -9.82 5.70
C THR A 20 -10.41 -10.54 4.36
N VAL A 21 -11.00 -9.90 3.35
CA VAL A 21 -11.12 -10.49 2.03
C VAL A 21 -10.81 -9.42 0.98
N ARG A 22 -9.89 -9.72 0.08
CA ARG A 22 -9.52 -8.77 -0.95
C ARG A 22 -10.23 -9.13 -2.25
N GLU A 23 -11.08 -8.22 -2.73
CA GLU A 23 -11.83 -8.44 -3.95
C GLU A 23 -11.50 -7.40 -5.01
N GLY A 24 -11.65 -7.78 -6.27
CA GLY A 24 -11.37 -6.85 -7.34
C GLY A 24 -11.50 -7.53 -8.69
N LEU A 26 -9.52 -8.12 -12.67
CA LEU A 26 -8.29 -8.11 -13.43
C LEU A 26 -8.74 -7.86 -14.86
N VAL A 27 -8.09 -6.92 -15.53
CA VAL A 27 -8.44 -6.58 -16.90
C VAL A 27 -7.25 -6.75 -17.82
N ARG A 28 -7.45 -7.45 -18.93
CA ARG A 28 -6.38 -7.71 -19.88
C ARG A 28 -6.42 -6.74 -21.05
N GLY A 29 -5.32 -6.01 -21.26
CA GLY A 29 -5.24 -5.06 -22.35
C GLY A 29 -4.06 -5.35 -23.26
N ALA A 30 -3.74 -4.41 -24.14
CA ALA A 30 -2.64 -4.58 -25.08
C ALA A 30 -1.27 -4.65 -24.40
N ALA A 31 -1.14 -4.00 -23.25
CA ALA A 31 0.14 -3.97 -22.54
C ALA A 31 0.28 -5.09 -21.52
N GLY A 32 -0.83 -5.70 -21.15
CA GLY A 32 -0.80 -6.78 -20.17
C GLY A 32 -2.02 -6.71 -19.29
N TRP A 33 -1.88 -7.09 -18.03
CA TRP A 33 -3.01 -7.07 -17.11
C TRP A 33 -2.97 -5.91 -16.14
N GLY A 34 -4.15 -5.42 -15.80
CA GLY A 34 -4.28 -4.32 -14.85
C GLY A 34 -5.24 -4.78 -13.75
N GLU A 35 -5.11 -4.19 -12.57
CA GLU A 35 -5.98 -4.54 -11.45
C GLU A 35 -6.87 -3.36 -11.06
N PHE A 36 -8.16 -3.62 -10.90
CA PHE A 36 -9.13 -2.61 -10.48
C PHE A 36 -9.71 -3.20 -9.19
N SER A 37 -9.22 -2.73 -8.04
CA SER A 37 -9.70 -3.29 -6.78
C SER A 37 -10.05 -2.29 -5.68
N PRO A 38 -10.83 -1.25 -6.01
CA PRO A 38 -11.17 -0.29 -4.95
C PRO A 38 -11.99 -0.96 -3.85
N PHE A 39 -11.78 -0.55 -2.60
CA PHE A 39 -12.52 -1.10 -1.48
C PHE A 39 -14.00 -0.74 -1.62
N ALA A 40 -14.86 -1.59 -1.07
CA ALA A 40 -16.30 -1.45 -1.15
C ALA A 40 -16.92 -0.07 -0.95
N GLU A 41 -16.44 0.68 0.02
CA GLU A 41 -17.01 2.00 0.32
C GLU A 41 -16.80 3.12 -0.69
N TYR A 42 -15.85 2.97 -1.60
CA TYR A 42 -15.60 4.03 -2.57
C TYR A 42 -16.67 4.14 -3.67
N GLY A 43 -17.18 5.36 -3.86
CA GLY A 43 -18.17 5.58 -4.88
C GLY A 43 -17.52 5.75 -6.24
N PRO A 44 -18.30 5.75 -7.33
CA PRO A 44 -17.81 5.90 -8.71
C PRO A 44 -16.82 7.05 -8.96
N ARG A 45 -17.08 8.22 -8.40
CA ARG A 45 -16.18 9.36 -8.60
C ARG A 45 -14.79 9.08 -8.05
N GLU A 46 -14.75 8.37 -6.92
CA GLU A 46 -13.48 8.00 -6.31
C GLU A 46 -12.87 6.84 -7.09
N CYS A 47 -13.69 5.85 -7.42
CA CYS A 47 -13.23 4.68 -8.16
C CYS A 47 -12.71 5.03 -9.55
N ALA A 48 -13.10 6.19 -10.06
CA ALA A 48 -12.67 6.64 -11.38
C ALA A 48 -11.14 6.56 -11.50
N ARG A 49 -10.44 7.00 -10.47
CA ARG A 49 -8.98 6.98 -10.48
C ARG A 49 -8.41 5.57 -10.41
N TRP A 50 -9.09 4.70 -9.67
CA TRP A 50 -8.67 3.30 -9.56
C TRP A 50 -8.72 2.69 -10.95
N TRP A 51 -9.79 2.97 -11.69
CA TRP A 51 -9.91 2.48 -13.06
C TRP A 51 -8.81 3.05 -13.94
N ALA A 52 -8.50 4.33 -13.78
CA ALA A 52 -7.46 4.95 -14.58
C ALA A 52 -6.13 4.21 -14.40
N ALA A 53 -5.87 3.76 -13.18
CA ALA A 53 -4.64 3.04 -12.91
C ALA A 53 -4.68 1.68 -13.59
N CYS A 54 -5.83 1.03 -13.52
CA CYS A 54 -6.00 -0.27 -14.15
C CYS A 54 -5.82 -0.15 -15.66
N TYR A 55 -6.45 0.87 -16.23
CA TYR A 55 -6.37 1.12 -17.66
C TYR A 55 -4.93 1.36 -18.10
N GLU A 56 -4.18 2.16 -17.33
CA GLU A 56 -2.79 2.46 -17.66
C GLU A 56 -1.97 1.17 -17.71
N ALA A 57 -2.12 0.35 -16.67
CA ALA A 57 -1.40 -0.90 -16.57
C ALA A 57 -1.74 -1.87 -17.70
N ALA A 58 -3.03 -1.96 -18.03
CA ALA A 58 -3.49 -2.87 -19.08
C ALA A 58 -3.33 -2.40 -20.52
N GLU A 59 -3.46 -1.09 -20.74
CA GLU A 59 -3.41 -0.56 -22.11
C GLU A 59 -2.29 0.40 -22.50
N LEU A 60 -1.71 1.08 -21.52
CA LEU A 60 -0.67 2.07 -21.84
C LEU A 60 0.77 1.71 -21.53
N GLY A 61 0.97 0.96 -20.46
CA GLY A 61 2.32 0.60 -20.06
C GLY A 61 2.78 1.65 -19.07
N TRP A 62 3.92 1.42 -18.43
CA TRP A 62 4.43 2.37 -17.43
C TRP A 62 5.71 3.04 -17.89
N PRO A 63 6.03 4.19 -17.28
CA PRO A 63 7.26 4.92 -17.62
C PRO A 63 8.43 3.99 -17.29
N ALA A 64 9.50 4.07 -18.07
CA ALA A 64 10.67 3.23 -17.85
C ALA A 64 11.28 3.43 -16.47
N PRO A 65 11.76 2.34 -15.84
CA PRO A 65 12.36 2.41 -14.51
C PRO A 65 13.80 2.95 -14.53
N VAL A 66 14.21 3.55 -13.42
CA VAL A 66 15.57 4.06 -13.31
C VAL A 66 16.37 3.15 -12.38
N ARG A 67 15.71 2.09 -11.89
CA ARG A 67 16.33 1.10 -11.02
C ARG A 67 15.70 -0.26 -11.33
N ASP A 68 16.46 -1.34 -11.15
CA ASP A 68 15.94 -2.68 -11.46
C ASP A 68 15.28 -3.42 -10.30
N THR A 69 15.43 -2.89 -9.10
CA THR A 69 14.82 -3.48 -7.91
C THR A 69 14.40 -2.35 -7.00
N VAL A 70 13.49 -2.63 -6.09
CA VAL A 70 13.02 -1.62 -5.15
C VAL A 70 13.03 -2.18 -3.74
N PRO A 71 13.52 -1.41 -2.77
CA PRO A 71 13.58 -1.87 -1.37
C PRO A 71 12.18 -1.85 -0.77
N VAL A 72 11.86 -2.89 0.00
CA VAL A 72 10.55 -2.98 0.63
C VAL A 72 10.62 -3.21 2.14
N ASN A 73 9.57 -2.80 2.84
CA ASN A 73 9.48 -2.97 4.28
C ASN A 73 8.50 -4.10 4.54
N ALA A 74 8.56 -4.66 5.74
CA ALA A 74 7.66 -5.72 6.15
C ALA A 74 6.39 -5.06 6.64
N THR A 75 5.25 -5.65 6.34
CA THR A 75 3.98 -5.09 6.81
C THR A 75 3.48 -6.02 7.92
N VAL A 76 3.49 -5.51 9.15
CA VAL A 76 3.07 -6.30 10.30
C VAL A 76 1.67 -5.96 10.75
N PRO A 77 0.72 -6.90 10.60
CA PRO A 77 -0.66 -6.63 11.02
C PRO A 77 -0.79 -6.65 12.55
N ALA A 78 -1.97 -6.31 13.05
CA ALA A 78 -2.20 -6.27 14.49
C ALA A 78 -2.30 -7.63 15.14
N VAL A 79 -1.19 -8.36 15.15
CA VAL A 79 -1.14 -9.69 15.76
C VAL A 79 -0.38 -9.63 17.10
N GLY A 80 -0.31 -10.77 17.79
CA GLY A 80 0.40 -10.80 19.05
C GLY A 80 1.85 -10.40 18.89
N PRO A 81 2.50 -9.86 19.93
CA PRO A 81 3.91 -9.44 19.83
C PRO A 81 4.85 -10.55 19.39
N GLU A 82 4.59 -11.78 19.85
CA GLU A 82 5.43 -12.91 19.47
C GLU A 82 5.34 -13.18 17.98
N GLU A 83 4.11 -13.18 17.45
CA GLU A 83 3.89 -13.41 16.04
C GLU A 83 4.45 -12.27 15.20
N ALA A 84 4.38 -11.06 15.74
CA ALA A 84 4.89 -9.88 15.04
C ALA A 84 6.39 -10.02 14.81
N ALA A 85 7.09 -10.48 15.85
CA ALA A 85 8.53 -10.68 15.78
C ALA A 85 8.91 -11.72 14.73
N ARG A 86 8.14 -12.80 14.67
CA ARG A 86 8.39 -13.86 13.71
C ARG A 86 8.20 -13.35 12.29
N ILE A 87 7.19 -12.51 12.10
CA ILE A 87 6.92 -11.94 10.79
C ILE A 87 8.13 -11.09 10.37
N VAL A 88 8.63 -10.27 11.29
CA VAL A 88 9.78 -9.42 11.00
C VAL A 88 11.03 -10.25 10.75
N ALA A 89 11.31 -11.18 11.64
CA ALA A 89 12.50 -12.03 11.52
C ALA A 89 12.49 -12.84 10.22
N SER A 90 11.29 -13.11 9.71
CA SER A 90 11.13 -13.89 8.49
C SER A 90 10.98 -13.04 7.23
N SER A 91 10.86 -11.73 7.42
CA SER A 91 10.65 -10.81 6.31
C SER A 91 11.86 -10.54 5.41
N GLY A 92 13.05 -10.57 5.99
CA GLY A 92 14.25 -10.29 5.23
C GLY A 92 14.39 -8.79 5.02
N CYS A 93 13.52 -8.03 5.70
CA CYS A 93 13.54 -6.57 5.59
C CYS A 93 14.04 -5.91 6.87
N THR A 94 14.70 -4.77 6.72
CA THR A 94 15.22 -4.04 7.87
C THR A 94 14.32 -2.88 8.29
N THR A 95 13.22 -2.69 7.56
CA THR A 95 12.23 -1.67 7.89
C THR A 95 10.93 -2.42 8.04
N ALA A 96 10.13 -2.04 9.03
CA ALA A 96 8.85 -2.71 9.23
C ALA A 96 7.79 -1.70 9.59
N LYS A 97 6.59 -1.88 9.04
CA LYS A 97 5.45 -1.02 9.35
C LYS A 97 4.63 -1.84 10.34
N VAL A 98 4.26 -1.24 11.46
CA VAL A 98 3.46 -1.95 12.45
C VAL A 98 2.06 -1.38 12.56
N LYS A 99 1.08 -2.23 12.36
CA LYS A 99 -0.31 -1.81 12.45
C LYS A 99 -0.71 -1.60 13.91
N VAL A 100 -1.34 -0.48 14.20
CA VAL A 100 -1.84 -0.20 15.55
C VAL A 100 -3.28 0.26 15.37
N ALA A 101 -4.02 0.34 16.47
CA ALA A 101 -5.42 0.77 16.42
C ALA A 101 -6.26 0.01 15.39
N GLU A 102 -6.11 -1.31 15.36
CA GLU A 102 -6.89 -2.12 14.43
C GLU A 102 -8.28 -2.33 15.03
N ASN A 109 -2.55 -4.14 23.14
CA ASN A 109 -1.26 -4.78 22.89
C ASN A 109 -0.46 -4.00 21.84
N ASP A 110 -0.95 -2.84 21.46
CA ASP A 110 -0.27 -2.02 20.46
C ASP A 110 1.16 -1.67 20.84
N VAL A 111 1.35 -1.20 22.07
CA VAL A 111 2.69 -0.83 22.53
C VAL A 111 3.59 -2.06 22.53
N ALA A 112 3.08 -3.18 23.05
CA ALA A 112 3.87 -4.41 23.12
C ALA A 112 4.27 -4.91 21.74
N ARG A 113 3.40 -4.70 20.75
CA ARG A 113 3.68 -5.13 19.39
C ARG A 113 4.82 -4.34 18.79
N VAL A 114 4.79 -3.03 18.96
CA VAL A 114 5.84 -2.17 18.43
C VAL A 114 7.18 -2.52 19.11
N GLU A 115 7.14 -2.70 20.42
CA GLU A 115 8.32 -3.07 21.19
C GLU A 115 8.92 -4.36 20.61
N ALA A 116 8.07 -5.35 20.38
CA ALA A 116 8.51 -6.64 19.86
C ALA A 116 9.17 -6.51 18.48
N VAL A 117 8.60 -5.66 17.64
CA VAL A 117 9.13 -5.44 16.31
C VAL A 117 10.49 -4.76 16.37
N ARG A 118 10.64 -3.79 17.26
CA ARG A 118 11.92 -3.08 17.41
C ARG A 118 12.96 -4.08 17.89
N ASP A 119 12.54 -4.99 18.78
CA ASP A 119 13.44 -5.99 19.31
C ASP A 119 13.90 -6.95 18.22
N ALA A 120 12.96 -7.38 17.38
CA ALA A 120 13.26 -8.29 16.29
C ALA A 120 14.16 -7.68 15.23
N LEU A 121 14.04 -6.37 15.02
CA LEU A 121 14.84 -5.66 14.04
C LEU A 121 16.21 -5.23 14.56
N GLY A 122 16.31 -5.00 15.85
CA GLY A 122 17.57 -4.55 16.42
C GLY A 122 17.63 -3.04 16.31
N PRO A 123 18.65 -2.40 16.92
CA PRO A 123 18.84 -0.94 16.92
C PRO A 123 18.92 -0.26 15.56
N ARG A 124 19.45 -0.95 14.55
CA ARG A 124 19.61 -0.35 13.23
C ARG A 124 18.38 -0.46 12.32
N GLY A 125 17.37 -1.19 12.76
CA GLY A 125 16.18 -1.31 11.94
C GLY A 125 15.33 -0.05 11.96
N ARG A 126 14.42 0.08 11.02
CA ARG A 126 13.54 1.24 10.96
C ARG A 126 12.11 0.77 11.25
N VAL A 127 11.41 1.49 12.10
CA VAL A 127 10.05 1.14 12.48
C VAL A 127 9.07 2.27 12.21
N ARG A 128 8.05 2.00 11.39
CA ARG A 128 7.02 2.99 11.09
C ARG A 128 5.69 2.45 11.63
N ILE A 129 4.76 3.36 11.91
CA ILE A 129 3.47 2.98 12.45
C ILE A 129 2.32 3.30 11.51
N ASP A 130 1.37 2.37 11.41
CA ASP A 130 0.20 2.57 10.56
C ASP A 130 -1.01 2.74 11.46
N VAL A 131 -1.61 3.93 11.44
CA VAL A 131 -2.79 4.22 12.27
C VAL A 131 -4.08 4.25 11.46
N ASN A 132 -3.95 4.47 10.15
CA ASN A 132 -5.10 4.51 9.26
C ASN A 132 -6.17 5.49 9.74
N GLY A 133 -5.70 6.65 10.21
CA GLY A 133 -6.56 7.71 10.69
C GLY A 133 -7.57 7.38 11.79
N ALA A 134 -7.23 6.46 12.67
CA ALA A 134 -8.14 6.04 13.73
C ALA A 134 -8.14 6.84 15.02
N TRP A 135 -7.15 7.69 15.22
CA TRP A 135 -7.09 8.47 16.46
C TRP A 135 -7.50 9.93 16.36
N ASP A 136 -7.99 10.46 17.48
CA ASP A 136 -8.35 11.87 17.53
C ASP A 136 -7.00 12.51 17.87
N VAL A 137 -6.90 13.83 17.75
CA VAL A 137 -5.64 14.52 18.00
C VAL A 137 -4.98 14.22 19.35
N ASP A 138 -5.72 14.34 20.44
CA ASP A 138 -5.15 14.08 21.76
C ASP A 138 -4.69 12.64 21.96
N THR A 139 -5.45 11.68 21.45
CA THR A 139 -5.07 10.28 21.59
C THR A 139 -3.81 10.03 20.78
N ALA A 140 -3.74 10.64 19.60
CA ALA A 140 -2.56 10.48 18.74
C ALA A 140 -1.30 10.97 19.45
N VAL A 141 -1.40 12.15 20.07
CA VAL A 141 -0.24 12.70 20.77
C VAL A 141 0.23 11.79 21.91
N ARG A 142 -0.69 11.28 22.72
CA ARG A 142 -0.28 10.43 23.83
C ARG A 142 0.24 9.06 23.39
N ILE A 144 1.68 8.39 20.37
CA ILE A 144 2.96 8.56 19.69
C ILE A 144 4.04 8.73 20.74
N ARG A 145 3.72 9.44 21.81
CA ARG A 145 4.69 9.63 22.89
C ARG A 145 5.05 8.29 23.51
N LEU A 146 4.07 7.41 23.68
CA LEU A 146 4.33 6.09 24.27
C LEU A 146 5.14 5.21 23.33
N LEU A 147 4.90 5.36 22.04
CA LEU A 147 5.61 4.56 21.03
C LEU A 147 6.96 5.16 20.63
N ASP A 148 7.15 6.43 20.96
CA ASP A 148 8.39 7.15 20.63
C ASP A 148 9.67 6.51 21.15
N ARG A 149 9.60 5.83 22.30
CA ARG A 149 10.79 5.23 22.88
C ARG A 149 11.33 4.04 22.09
N PHE A 150 10.69 3.75 20.96
CA PHE A 150 11.13 2.65 20.11
C PHE A 150 11.74 3.20 18.83
N GLU A 151 11.94 4.52 18.80
CA GLU A 151 12.54 5.20 17.66
C GLU A 151 11.75 4.96 16.37
N LEU A 152 10.79 5.84 16.11
CA LEU A 152 9.92 5.75 14.95
C LEU A 152 10.41 6.52 13.73
N GLU A 153 10.44 5.84 12.58
CA GLU A 153 10.86 6.45 11.34
C GLU A 153 9.80 7.52 11.02
N TYR A 154 8.54 7.14 11.22
CA TYR A 154 7.42 8.05 11.03
C TYR A 154 6.12 7.38 11.40
N VAL A 155 5.09 8.18 11.63
CA VAL A 155 3.77 7.67 11.99
C VAL A 155 2.85 8.05 10.83
N GLU A 156 2.26 7.04 10.20
CA GLU A 156 1.38 7.28 9.06
C GLU A 156 -0.07 7.54 9.42
N GLN A 157 -0.59 8.65 8.90
CA GLN A 157 -1.97 9.07 9.08
C GLN A 157 -2.54 8.80 10.48
N PRO A 158 -1.98 9.48 11.50
CA PRO A 158 -2.46 9.29 12.87
C PRO A 158 -3.92 9.69 13.04
N CYS A 159 -4.33 10.72 12.30
CA CYS A 159 -5.69 11.21 12.36
C CYS A 159 -6.33 11.20 10.98
N ALA A 160 -7.64 11.41 10.95
CA ALA A 160 -8.37 11.38 9.68
C ALA A 160 -8.26 12.59 8.76
N THR A 161 -8.14 13.79 9.32
CA THR A 161 -8.07 15.00 8.48
C THR A 161 -6.76 15.78 8.58
N VAL A 162 -6.55 16.67 7.61
CA VAL A 162 -5.37 17.51 7.55
C VAL A 162 -5.25 18.43 8.76
N ASP A 163 -6.35 19.07 9.16
CA ASP A 163 -6.32 19.94 10.31
C ASP A 163 -5.84 19.19 11.54
N GLU A 164 -6.25 17.93 11.66
CA GLU A 164 -5.83 17.11 12.79
C GLU A 164 -4.35 16.76 12.69
N LEU A 165 -3.91 16.37 11.50
CA LEU A 165 -2.51 16.02 11.31
C LEU A 165 -1.63 17.20 11.67
N ALA A 166 -2.07 18.40 11.28
CA ALA A 166 -1.32 19.62 11.56
C ALA A 166 -1.13 19.85 13.06
N GLU A 167 -2.19 19.63 13.85
CA GLU A 167 -2.08 19.82 15.28
C GLU A 167 -1.17 18.77 15.90
N VAL A 168 -1.29 17.53 15.44
CA VAL A 168 -0.45 16.46 15.96
C VAL A 168 1.01 16.78 15.68
N ARG A 169 1.30 17.23 14.47
CA ARG A 169 2.65 17.56 14.07
C ARG A 169 3.29 18.64 14.96
N ARG A 170 2.47 19.57 15.46
CA ARG A 170 2.99 20.62 16.32
C ARG A 170 3.41 20.09 17.68
N ARG A 171 2.76 19.03 18.12
CA ARG A 171 3.01 18.46 19.44
C ARG A 171 3.84 17.20 19.57
N VAL A 172 4.28 16.61 18.46
CA VAL A 172 5.11 15.41 18.54
C VAL A 172 6.48 15.69 17.93
N SER A 173 7.44 14.81 18.17
CA SER A 173 8.78 14.99 17.63
C SER A 173 9.18 13.86 16.69
N VAL A 174 8.19 13.26 16.05
CA VAL A 174 8.41 12.18 15.10
C VAL A 174 7.78 12.62 13.78
N PRO A 175 8.42 12.28 12.64
CA PRO A 175 7.85 12.68 11.35
C PRO A 175 6.47 12.06 11.12
N ILE A 176 5.61 12.79 10.43
CA ILE A 176 4.26 12.33 10.13
C ILE A 176 4.07 12.14 8.64
N ALA A 177 3.54 10.98 8.25
CA ALA A 177 3.29 10.71 6.84
C ALA A 177 1.80 10.81 6.57
N ALA A 178 1.45 11.41 5.44
CA ALA A 178 0.05 11.59 5.07
C ALA A 178 -0.28 10.68 3.89
N ARG A 190 -2.51 22.23 -0.02
CA ARG A 190 -1.67 21.04 0.03
C ARG A 190 -1.31 20.66 1.47
N VAL A 191 -0.86 19.42 1.65
CA VAL A 191 -0.50 18.93 2.97
C VAL A 191 0.72 19.65 3.52
N ARG A 192 1.62 20.07 2.63
CA ARG A 192 2.82 20.78 3.06
C ARG A 192 2.48 22.19 3.49
N ASP A 193 1.63 22.86 2.70
CA ASP A 193 1.22 24.23 2.99
C ASP A 193 0.45 24.31 4.30
N ALA A 194 -0.17 23.20 4.69
CA ALA A 194 -0.93 23.15 5.93
C ALA A 194 -0.03 22.65 7.05
N GLU A 195 1.22 22.33 6.70
CA GLU A 195 2.18 21.83 7.68
C GLU A 195 1.59 20.58 8.34
N ALA A 196 0.96 19.75 7.51
CA ALA A 196 0.32 18.53 8.01
C ALA A 196 1.12 17.25 7.82
N ALA A 197 2.23 17.32 7.10
CA ALA A 197 3.02 16.10 6.89
C ALA A 197 4.48 16.34 6.53
N ASP A 198 5.30 15.35 6.86
CA ASP A 198 6.72 15.38 6.58
C ASP A 198 7.01 14.48 5.39
N VAL A 199 6.13 13.50 5.19
CA VAL A 199 6.25 12.53 4.11
C VAL A 199 4.89 12.27 3.49
N VAL A 200 4.86 12.09 2.17
CA VAL A 200 3.60 11.81 1.49
C VAL A 200 3.61 10.38 0.99
N VAL A 201 2.56 9.64 1.33
CA VAL A 201 2.44 8.25 0.91
C VAL A 201 1.72 8.16 -0.44
N LEU A 202 2.33 7.45 -1.38
CA LEU A 202 1.75 7.29 -2.71
C LEU A 202 1.26 5.87 -2.94
N LYS A 203 0.04 5.73 -3.45
CA LYS A 203 -0.53 4.44 -3.77
C LYS A 203 -1.02 4.58 -5.20
N VAL A 204 -0.44 3.79 -6.10
CA VAL A 204 -0.76 3.88 -7.52
C VAL A 204 -2.23 3.85 -7.94
N GLN A 205 -3.00 2.91 -7.40
CA GLN A 205 -4.40 2.83 -7.80
C GLN A 205 -5.25 4.05 -7.44
N PRO A 206 -5.35 4.39 -6.14
CA PRO A 206 -6.16 5.57 -5.82
C PRO A 206 -5.67 6.87 -6.46
N LEU A 207 -4.39 6.94 -6.81
CA LEU A 207 -3.87 8.17 -7.42
C LEU A 207 -4.08 8.26 -8.93
N GLY A 208 -4.52 7.17 -9.54
CA GLY A 208 -4.78 7.19 -10.96
C GLY A 208 -3.69 6.67 -11.87
N GLY A 209 -2.74 5.92 -11.33
CA GLY A 209 -1.67 5.36 -12.15
C GLY A 209 -0.28 5.87 -11.79
N VAL A 210 0.72 5.26 -12.43
CA VAL A 210 2.11 5.62 -12.20
C VAL A 210 2.43 7.05 -12.63
N ARG A 211 1.99 7.43 -13.83
CA ARG A 211 2.26 8.77 -14.31
C ARG A 211 1.62 9.83 -13.43
N ALA A 212 0.38 9.59 -13.01
CA ALA A 212 -0.32 10.53 -12.14
C ALA A 212 0.37 10.62 -10.79
N ALA A 213 0.80 9.48 -10.26
CA ALA A 213 1.48 9.45 -8.97
C ALA A 213 2.83 10.17 -9.05
N LEU A 214 3.51 10.03 -10.18
CA LEU A 214 4.79 10.69 -10.35
C LEU A 214 4.61 12.20 -10.37
N ARG A 215 3.52 12.66 -10.99
CA ARG A 215 3.24 14.09 -11.04
C ARG A 215 2.94 14.61 -9.64
N LEU A 216 2.20 13.84 -8.86
CA LEU A 216 1.88 14.27 -7.50
C LEU A 216 3.16 14.32 -6.67
N ALA A 217 4.05 13.36 -6.88
CA ALA A 217 5.30 13.34 -6.13
C ALA A 217 6.03 14.67 -6.32
N GLU A 218 6.00 15.21 -7.54
CA GLU A 218 6.69 16.46 -7.78
C GLU A 218 5.91 17.62 -7.19
N GLU A 219 4.62 17.65 -7.47
CA GLU A 219 3.77 18.73 -7.00
C GLU A 219 3.58 18.87 -5.50
N CYS A 220 3.66 17.76 -4.76
CA CYS A 220 3.45 17.82 -3.31
C CYS A 220 4.59 18.52 -2.56
N GLY A 221 5.73 18.65 -3.21
CA GLY A 221 6.88 19.31 -2.58
C GLY A 221 7.44 18.70 -1.31
N LEU A 222 7.22 17.41 -1.12
CA LEU A 222 7.70 16.70 0.06
C LEU A 222 8.27 15.32 -0.30
N PRO A 223 9.06 14.73 0.61
CA PRO A 223 9.64 13.41 0.35
C PRO A 223 8.46 12.44 0.23
N VAL A 224 8.62 11.39 -0.57
CA VAL A 224 7.54 10.43 -0.74
C VAL A 224 7.97 8.98 -0.51
N VAL A 225 6.98 8.15 -0.24
CA VAL A 225 7.19 6.73 -0.02
C VAL A 225 6.05 6.05 -0.77
N VAL A 226 6.30 4.86 -1.31
CA VAL A 226 5.27 4.14 -2.04
C VAL A 226 4.71 3.04 -1.16
N SER A 227 3.39 2.90 -1.16
CA SER A 227 2.72 1.87 -0.38
C SER A 227 1.76 1.18 -1.33
N SER A 228 1.16 0.09 -0.88
CA SER A 228 0.22 -0.63 -1.72
C SER A 228 -1.18 -0.50 -1.13
N ALA A 229 -2.15 -1.03 -1.86
CA ALA A 229 -3.54 -1.07 -1.45
C ALA A 229 -3.83 -2.56 -1.28
N VAL A 230 -2.83 -3.31 -0.83
CA VAL A 230 -2.93 -4.75 -0.61
C VAL A 230 -3.49 -5.47 -1.84
N GLU A 231 -2.87 -5.23 -2.99
CA GLU A 231 -3.30 -5.82 -4.25
C GLU A 231 -2.69 -7.20 -4.53
N THR A 232 -3.13 -7.84 -5.61
CA THR A 232 -2.55 -9.12 -6.02
C THR A 232 -1.25 -8.67 -6.69
N SER A 233 -0.47 -9.62 -7.21
CA SER A 233 0.78 -9.24 -7.86
C SER A 233 0.55 -8.33 -9.06
N VAL A 234 -0.64 -8.40 -9.66
CA VAL A 234 -0.91 -7.55 -10.81
C VAL A 234 -0.90 -6.08 -10.37
N GLY A 235 -1.60 -5.81 -9.27
CA GLY A 235 -1.66 -4.45 -8.76
C GLY A 235 -0.33 -4.04 -8.15
N LEU A 236 0.37 -4.99 -7.55
CA LEU A 236 1.65 -4.64 -6.95
C LEU A 236 2.71 -4.30 -8.01
N ALA A 237 2.61 -4.93 -9.18
CA ALA A 237 3.56 -4.66 -10.24
C ALA A 237 3.53 -3.18 -10.62
N ALA A 238 2.33 -2.58 -10.57
CA ALA A 238 2.20 -1.16 -10.88
C ALA A 238 2.84 -0.33 -9.77
N GLY A 239 2.70 -0.81 -8.54
CA GLY A 239 3.28 -0.13 -7.40
C GLY A 239 4.79 -0.17 -7.50
N VAL A 240 5.33 -1.30 -7.95
CA VAL A 240 6.76 -1.42 -8.13
C VAL A 240 7.23 -0.50 -9.27
N ALA A 241 6.44 -0.40 -10.33
CA ALA A 241 6.82 0.45 -11.47
C ALA A 241 6.90 1.90 -11.00
N LEU A 242 6.01 2.29 -10.10
CA LEU A 242 6.01 3.65 -9.58
C LEU A 242 7.29 3.86 -8.77
N ALA A 243 7.55 2.96 -7.83
CA ALA A 243 8.76 3.09 -7.01
C ALA A 243 10.03 3.08 -7.87
N ALA A 244 10.00 2.32 -8.97
CA ALA A 244 11.16 2.20 -9.84
C ALA A 244 11.39 3.41 -10.74
N ALA A 245 10.39 4.29 -10.83
CA ALA A 245 10.46 5.49 -11.65
C ALA A 245 10.65 6.79 -10.86
N LEU A 246 10.59 6.70 -9.54
CA LEU A 246 10.76 7.87 -8.69
C LEU A 246 12.20 8.33 -8.59
N PRO A 247 12.42 9.63 -8.32
CA PRO A 247 13.79 10.15 -8.20
C PRO A 247 14.66 9.35 -7.24
N GLU A 248 14.14 9.08 -6.06
CA GLU A 248 14.89 8.34 -5.05
C GLU A 248 13.94 7.69 -4.06
N LEU A 249 14.43 6.71 -3.32
CA LEU A 249 13.61 6.03 -2.33
C LEU A 249 14.26 6.04 -0.96
N PRO A 250 14.16 7.17 -0.24
CA PRO A 250 14.76 7.27 1.09
C PRO A 250 14.07 6.33 2.10
N TYR A 251 12.83 5.96 1.78
CA TYR A 251 12.05 5.08 2.63
C TYR A 251 11.71 3.79 1.89
N ALA A 252 11.83 2.65 2.59
CA ALA A 252 11.51 1.36 2.00
C ALA A 252 10.03 1.39 1.57
N CYS A 253 9.71 0.76 0.46
CA CYS A 253 8.35 0.73 -0.10
C CYS A 253 7.47 -0.34 0.53
N GLY A 254 6.23 0.00 0.83
CA GLY A 254 5.30 -0.95 1.42
C GLY A 254 4.62 -1.81 0.37
N LEU A 255 5.44 -2.52 -0.40
CA LEU A 255 4.94 -3.38 -1.48
C LEU A 255 5.13 -4.88 -1.21
N ALA A 256 5.48 -5.23 0.03
CA ALA A 256 5.68 -6.63 0.41
C ALA A 256 4.39 -7.16 1.03
N THR A 257 3.26 -6.64 0.58
CA THR A 257 1.97 -7.04 1.14
C THR A 257 1.32 -8.29 0.56
N LEU A 258 1.97 -8.92 -0.41
CA LEU A 258 1.37 -10.12 -0.98
C LEU A 258 1.32 -11.17 0.13
N ARG A 259 2.25 -11.05 1.07
CA ARG A 259 2.34 -11.96 2.21
C ARG A 259 1.10 -11.91 3.10
N LEU A 260 0.32 -10.82 3.00
CA LEU A 260 -0.89 -10.68 3.80
C LEU A 260 -2.05 -11.49 3.20
N LEU A 261 -1.90 -11.90 1.94
CA LEU A 261 -2.94 -12.69 1.26
C LEU A 261 -2.63 -14.18 1.30
N HIS A 262 -3.68 -14.99 1.30
CA HIS A 262 -3.52 -16.44 1.32
C HIS A 262 -3.15 -16.98 -0.05
N ALA A 263 -3.43 -16.21 -1.10
CA ALA A 263 -3.13 -16.65 -2.45
C ALA A 263 -2.90 -15.49 -3.39
N ASP A 264 -2.43 -15.80 -4.59
CA ASP A 264 -2.16 -14.79 -5.60
C ASP A 264 -2.71 -15.33 -6.93
N VAL A 265 -2.64 -14.51 -7.97
CA VAL A 265 -3.16 -14.89 -9.27
C VAL A 265 -2.05 -15.17 -10.28
N CYS A 266 -0.82 -15.31 -9.77
CA CYS A 266 0.36 -15.56 -10.60
C CYS A 266 1.16 -16.77 -10.10
N ASP A 267 1.79 -17.49 -11.03
CA ASP A 267 2.61 -18.65 -10.68
C ASP A 267 3.93 -18.18 -10.09
N ASP A 268 4.36 -16.99 -10.51
CA ASP A 268 5.60 -16.38 -10.04
C ASP A 268 5.20 -15.09 -9.32
N PRO A 269 4.67 -15.22 -8.10
CA PRO A 269 4.24 -14.06 -7.31
C PRO A 269 5.34 -13.06 -6.94
N LEU A 270 4.94 -11.80 -6.77
CA LEU A 270 5.86 -10.75 -6.38
C LEU A 270 6.08 -10.79 -4.87
N LEU A 271 6.96 -11.69 -4.46
CA LEU A 271 7.31 -11.84 -3.06
C LEU A 271 8.75 -11.35 -2.89
N PRO A 272 9.01 -10.58 -1.84
CA PRO A 272 10.35 -10.04 -1.57
C PRO A 272 11.39 -11.08 -1.19
N VAL A 273 12.62 -10.82 -1.61
CA VAL A 273 13.76 -11.67 -1.28
C VAL A 273 14.89 -10.70 -0.96
N HIS A 274 15.49 -10.87 0.22
CA HIS A 274 16.58 -10.01 0.63
C HIS A 274 16.13 -8.55 0.73
N GLY A 275 14.87 -8.36 1.12
CA GLY A 275 14.31 -7.03 1.30
C GLY A 275 14.04 -6.20 0.06
N VAL A 276 13.98 -6.84 -1.11
CA VAL A 276 13.69 -6.10 -2.34
C VAL A 276 12.77 -6.86 -3.28
N LEU A 277 12.14 -6.12 -4.19
CA LEU A 277 11.28 -6.72 -5.21
C LEU A 277 11.88 -6.39 -6.56
N PRO A 278 11.79 -7.30 -7.53
CA PRO A 278 12.33 -7.06 -8.87
C PRO A 278 11.35 -6.21 -9.67
N VAL A 279 11.87 -5.37 -10.56
CA VAL A 279 11.02 -4.56 -11.41
C VAL A 279 10.70 -5.41 -12.64
N ARG A 280 9.50 -5.99 -12.66
CA ARG A 280 9.10 -6.84 -13.77
C ARG A 280 7.58 -6.93 -13.86
N ARG A 281 7.10 -7.24 -15.06
CA ARG A 281 5.66 -7.41 -15.28
C ARG A 281 5.36 -8.80 -14.75
N VAL A 282 4.09 -9.09 -14.52
CA VAL A 282 3.71 -10.40 -14.01
C VAL A 282 2.79 -11.10 -14.99
N ASP A 283 2.78 -12.42 -14.93
CA ASP A 283 1.94 -13.22 -15.81
C ASP A 283 0.83 -13.88 -14.99
N VAL A 284 -0.41 -13.57 -15.34
CA VAL A 284 -1.57 -14.15 -14.65
C VAL A 284 -1.65 -15.62 -15.03
N SER A 285 -1.85 -16.47 -14.02
CA SER A 285 -1.93 -17.90 -14.23
C SER A 285 -3.37 -18.37 -14.17
N GLU A 286 -3.81 -19.05 -15.23
CA GLU A 286 -5.18 -19.55 -15.30
C GLU A 286 -5.57 -20.35 -14.05
N GLN A 287 -4.73 -21.32 -13.69
CA GLN A 287 -4.98 -22.17 -12.53
C GLN A 287 -5.14 -21.38 -11.23
N ARG A 288 -4.21 -20.45 -10.98
CA ARG A 288 -4.24 -19.65 -9.77
C ARG A 288 -5.47 -18.73 -9.71
N LEU A 289 -5.72 -18.01 -10.80
CA LEU A 289 -6.86 -17.11 -10.83
C LEU A 289 -8.18 -17.86 -10.66
N ALA A 290 -8.32 -18.98 -11.37
CA ALA A 290 -9.54 -19.77 -11.29
C ALA A 290 -9.88 -20.21 -9.86
N GLU A 291 -8.86 -20.50 -9.06
CA GLU A 291 -9.08 -20.95 -7.68
C GLU A 291 -9.71 -19.89 -6.79
N VAL A 292 -9.51 -18.62 -7.14
CA VAL A 292 -10.05 -17.53 -6.33
C VAL A 292 -11.02 -16.65 -7.13
N GLU A 293 -11.46 -17.17 -8.26
CA GLU A 293 -12.36 -16.41 -9.13
C GLU A 293 -13.83 -16.44 -8.69
N ILE A 294 -14.51 -15.33 -8.96
CA ILE A 294 -15.93 -15.20 -8.64
C ILE A 294 -16.69 -14.65 -9.84
N ASP A 295 -18.02 -14.80 -9.83
CA ASP A 295 -18.87 -14.27 -10.89
C ASP A 295 -18.60 -12.77 -10.94
N PRO A 296 -18.17 -12.24 -12.10
CA PRO A 296 -17.84 -10.81 -12.25
C PRO A 296 -18.98 -9.81 -12.48
N ALA A 297 -20.22 -10.30 -12.54
CA ALA A 297 -21.37 -9.43 -12.80
C ALA A 297 -21.39 -8.12 -12.02
N ALA A 298 -21.38 -8.22 -10.69
CA ALA A 298 -21.43 -7.04 -9.84
C ALA A 298 -20.21 -6.14 -10.03
N TRP A 299 -19.03 -6.75 -10.13
CA TRP A 299 -17.80 -5.98 -10.32
C TRP A 299 -17.74 -5.27 -11.66
N GLN A 300 -18.34 -5.88 -12.68
CA GLN A 300 -18.35 -5.27 -14.01
C GLN A 300 -19.27 -4.05 -14.01
N ALA A 301 -20.35 -4.12 -13.23
CA ALA A 301 -21.28 -3.00 -13.13
C ALA A 301 -20.55 -1.86 -12.41
N ARG A 302 -19.79 -2.21 -11.38
CA ARG A 302 -19.05 -1.22 -10.63
C ARG A 302 -17.95 -0.59 -11.47
N LEU A 303 -17.28 -1.41 -12.26
CA LEU A 303 -16.20 -0.92 -13.13
C LEU A 303 -16.79 0.02 -14.16
N ALA A 304 -17.97 -0.32 -14.68
CA ALA A 304 -18.64 0.51 -15.67
C ALA A 304 -18.95 1.90 -15.13
N ALA A 305 -19.37 1.97 -13.87
CA ALA A 305 -19.71 3.25 -13.24
C ALA A 305 -18.46 4.10 -13.03
N ALA A 306 -17.36 3.45 -12.66
CA ALA A 306 -16.11 4.15 -12.43
C ALA A 306 -15.56 4.68 -13.74
N ARG A 307 -15.66 3.85 -14.78
CA ARG A 307 -15.15 4.26 -16.10
C ARG A 307 -15.96 5.44 -16.63
N ALA A 308 -17.27 5.41 -16.39
CA ALA A 308 -18.15 6.49 -16.82
C ALA A 308 -17.77 7.78 -16.09
N ALA A 309 -17.46 7.66 -14.80
CA ALA A 309 -17.08 8.84 -14.02
C ALA A 309 -15.75 9.40 -14.52
N TRP A 310 -14.82 8.51 -14.84
CA TRP A 310 -13.51 8.93 -15.31
C TRP A 310 -13.58 9.65 -16.65
N GLU A 311 -14.25 9.06 -17.63
CA GLU A 311 -14.38 9.65 -18.95
C GLU A 311 -15.18 10.96 -18.97
N GLN A 312 -15.98 11.20 -17.95
CA GLN A 312 -16.78 12.41 -17.89
C GLN A 312 -16.19 13.46 -16.95
#